data_9IKT
#
_entry.id   9IKT
#
_cell.length_a   92.854
_cell.length_b   100.465
_cell.length_c   48.007
_cell.angle_alpha   90.000
_cell.angle_beta   90.000
_cell.angle_gamma   90.000
#
_symmetry.space_group_name_H-M   'P 21 21 2'
#
loop_
_entity.id
_entity.type
_entity.pdbx_description
1 polymer 'Mercuric resistance operon regulatory protein precorrin isomerase'
2 non-polymer DI(HYDROXYETHYL)ETHER
3 non-polymer GLYCEROL
4 water water
#
_entity_poly.entity_id   1
_entity_poly.type   'polypeptide(L)'
_entity_poly.pdbx_seq_one_letter_code
;GPDAETTTHPEAFQESLKHLLPDLSAYSEITIHLLHQLVLACGDVSLVNAVRLSQGAIASARDALKAGCPVVTDVPVVAA
ALDQTRLAHLGCTVKTLIDDPHITGLREAEQAFWHHDHWQQRLQQIPQGSVLAIGYAPSVLLTACKLIEQQHIQPALVIG
MPIGFSHAPGAKRRLMTSPIPHITIQGSLGGGLLAAVTLNALVETLIAKPDSHSYLTS
;
_entity_poly.pdbx_strand_id   A,B
#
loop_
_chem_comp.id
_chem_comp.type
_chem_comp.name
_chem_comp.formula
GOL non-polymer GLYCEROL 'C3 H8 O3'
PEG non-polymer DI(HYDROXYETHYL)ETHER 'C4 H10 O3'
#
# COMPACT_ATOMS: atom_id res chain seq x y z
N GLN A 14 18.15 -7.93 -14.16
CA GLN A 14 16.87 -8.59 -14.43
C GLN A 14 15.79 -8.10 -13.47
N GLU A 15 16.08 -8.15 -12.18
CA GLU A 15 15.10 -7.72 -11.19
C GLU A 15 15.63 -6.55 -10.38
N SER A 16 16.09 -5.52 -11.09
CA SER A 16 16.58 -4.27 -10.51
C SER A 16 15.56 -3.17 -10.79
N LEU A 17 15.10 -2.51 -9.73
CA LEU A 17 14.07 -1.50 -9.89
C LEU A 17 14.58 -0.28 -10.64
N LYS A 18 15.82 0.14 -10.37
CA LYS A 18 16.36 1.31 -11.07
C LYS A 18 16.46 1.04 -12.57
N HIS A 19 16.69 -0.20 -12.96
CA HIS A 19 16.76 -0.53 -14.37
C HIS A 19 15.40 -0.77 -15.00
N LEU A 20 14.36 -1.03 -14.19
CA LEU A 20 13.00 -1.10 -14.70
C LEU A 20 12.39 0.29 -14.91
N LEU A 21 12.68 1.23 -14.02
CA LEU A 21 12.13 2.57 -14.12
C LEU A 21 12.94 3.40 -15.12
N PRO A 22 12.31 4.42 -15.71
CA PRO A 22 13.08 5.38 -16.52
C PRO A 22 14.09 6.12 -15.66
N ASP A 23 15.00 6.81 -16.34
CA ASP A 23 15.97 7.63 -15.64
C ASP A 23 15.26 8.82 -15.00
N LEU A 24 15.64 9.14 -13.76
CA LEU A 24 14.98 10.18 -12.98
C LEU A 24 15.97 11.26 -12.54
N SER A 25 16.99 11.51 -13.36
CA SER A 25 18.13 12.32 -12.95
C SER A 25 17.79 13.80 -12.79
N ALA A 26 16.59 14.24 -13.11
CA ALA A 26 16.22 15.61 -12.78
C ALA A 26 15.90 15.79 -11.31
N TYR A 27 15.50 14.71 -10.63
N TYR A 27 15.57 14.72 -10.60
CA TYR A 27 15.01 14.69 -9.25
CA TYR A 27 15.07 14.82 -9.25
C TYR A 27 16.17 14.41 -8.28
C TYR A 27 16.12 14.34 -8.25
N SER A 28 15.96 14.81 -7.02
CA SER A 28 16.92 14.55 -5.96
C SER A 28 16.89 13.10 -5.52
N GLU A 29 17.92 12.70 -4.77
CA GLU A 29 18.01 11.33 -4.29
C GLU A 29 16.81 10.98 -3.41
N ILE A 30 16.37 11.91 -2.55
CA ILE A 30 15.21 11.63 -1.71
C ILE A 30 13.94 11.51 -2.54
N THR A 31 13.78 12.39 -3.53
CA THR A 31 12.61 12.26 -4.41
C THR A 31 12.63 10.92 -5.14
N ILE A 32 13.79 10.51 -5.66
CA ILE A 32 13.90 9.24 -6.35
C ILE A 32 13.53 8.07 -5.43
N HIS A 33 14.04 8.10 -4.19
CA HIS A 33 13.68 7.07 -3.22
C HIS A 33 12.17 7.01 -3.01
N LEU A 34 11.54 8.19 -2.86
CA LEU A 34 10.09 8.26 -2.71
C LEU A 34 9.37 7.58 -3.88
N LEU A 35 9.78 7.90 -5.10
CA LEU A 35 9.11 7.34 -6.26
C LEU A 35 9.32 5.82 -6.35
N HIS A 36 10.53 5.34 -6.02
CA HIS A 36 10.77 3.90 -5.96
C HIS A 36 9.85 3.22 -4.94
N GLN A 37 9.73 3.83 -3.74
CA GLN A 37 8.88 3.23 -2.70
C GLN A 37 7.43 3.19 -3.14
N LEU A 38 7.00 4.21 -3.89
CA LEU A 38 5.62 4.23 -4.37
C LEU A 38 5.37 3.15 -5.41
N VAL A 39 6.31 2.96 -6.34
CA VAL A 39 6.17 1.87 -7.32
C VAL A 39 6.16 0.52 -6.61
N LEU A 40 7.09 0.32 -5.67
CA LEU A 40 7.08 -0.88 -4.86
C LEU A 40 5.76 -1.08 -4.13
N ALA A 41 5.06 0.01 -3.79
CA ALA A 41 3.82 -0.14 -3.03
C ALA A 41 2.72 -0.78 -3.87
N CYS A 42 2.63 -0.41 -5.15
CA CYS A 42 1.47 -0.82 -5.93
C CYS A 42 1.80 -1.33 -7.32
N GLY A 43 3.08 -1.35 -7.71
CA GLY A 43 3.49 -1.92 -8.97
C GLY A 43 3.31 -1.04 -10.18
N ASP A 44 2.70 0.14 -10.05
CA ASP A 44 2.39 0.96 -11.22
C ASP A 44 3.61 1.82 -11.55
N VAL A 45 4.40 1.38 -12.54
CA VAL A 45 5.59 2.11 -12.95
C VAL A 45 5.26 3.50 -13.43
N SER A 46 4.04 3.73 -13.90
CA SER A 46 3.68 5.04 -14.40
C SER A 46 3.59 6.08 -13.29
N LEU A 47 3.60 5.67 -12.02
CA LEU A 47 3.59 6.64 -10.92
C LEU A 47 4.76 7.59 -11.00
N VAL A 48 5.89 7.16 -11.56
CA VAL A 48 7.02 8.08 -11.62
C VAL A 48 6.70 9.29 -12.49
N ASN A 49 5.71 9.18 -13.37
CA ASN A 49 5.28 10.29 -14.21
C ASN A 49 4.20 11.13 -13.55
N ALA A 50 3.34 10.49 -12.75
CA ALA A 50 2.12 11.12 -12.27
C ALA A 50 2.29 11.85 -10.94
N VAL A 51 3.30 11.51 -10.16
CA VAL A 51 3.50 12.18 -8.88
C VAL A 51 3.93 13.62 -9.11
N ARG A 52 3.35 14.53 -8.34
CA ARG A 52 3.70 15.95 -8.41
C ARG A 52 4.16 16.40 -7.03
N LEU A 53 5.39 16.90 -6.94
CA LEU A 53 5.91 17.50 -5.72
C LEU A 53 6.05 18.99 -5.94
N SER A 54 5.62 19.80 -4.98
CA SER A 54 6.01 21.20 -4.99
C SER A 54 7.52 21.32 -4.71
N GLN A 55 8.07 22.48 -5.09
CA GLN A 55 9.51 22.75 -5.17
C GLN A 55 10.38 22.19 -4.04
N GLY A 56 10.01 22.53 -2.81
CA GLY A 56 10.76 22.13 -1.62
C GLY A 56 9.88 21.35 -0.66
N ALA A 57 8.98 20.52 -1.20
CA ALA A 57 8.16 19.66 -0.35
C ALA A 57 9.03 18.75 0.53
N ILE A 58 10.20 18.36 0.03
CA ILE A 58 11.06 17.45 0.77
C ILE A 58 11.58 18.12 2.04
N ALA A 59 12.12 19.33 1.91
CA ALA A 59 12.71 20.00 3.07
C ALA A 59 11.62 20.48 4.03
N SER A 60 10.50 20.94 3.48
CA SER A 60 9.37 21.30 4.33
C SER A 60 8.90 20.10 5.15
N ALA A 61 8.73 18.95 4.49
CA ALA A 61 8.37 17.73 5.20
C ALA A 61 9.42 17.37 6.24
N ARG A 62 10.69 17.33 5.83
CA ARG A 62 11.73 16.86 6.73
C ARG A 62 11.93 17.81 7.91
N ASP A 63 11.78 19.13 7.68
CA ASP A 63 11.91 20.10 8.77
C ASP A 63 10.78 19.95 9.79
N ALA A 64 9.57 19.64 9.33
CA ALA A 64 8.47 19.44 10.24
C ALA A 64 8.64 18.16 11.03
N LEU A 65 9.09 17.09 10.36
CA LEU A 65 9.30 15.80 11.03
C LEU A 65 10.41 15.89 12.05
N LYS A 66 11.46 16.67 11.75
CA LYS A 66 12.55 16.85 12.70
C LYS A 66 12.12 17.67 13.90
N ALA A 67 11.02 18.42 13.80
CA ALA A 67 10.50 19.15 14.95
C ALA A 67 9.50 18.33 15.76
N GLY A 68 9.26 17.07 15.39
CA GLY A 68 8.25 16.27 16.08
C GLY A 68 6.85 16.82 15.87
N CYS A 69 6.52 17.17 14.63
CA CYS A 69 5.23 17.74 14.28
C CYS A 69 4.11 16.72 14.43
N PRO A 70 2.87 17.18 14.61
CA PRO A 70 1.74 16.26 14.49
C PRO A 70 1.65 15.70 13.08
N VAL A 71 1.20 14.46 13.00
CA VAL A 71 0.90 13.83 11.71
C VAL A 71 -0.59 13.52 11.74
N VAL A 72 -1.34 14.11 10.82
CA VAL A 72 -2.80 14.02 10.81
C VAL A 72 -3.22 13.33 9.53
N THR A 73 -4.00 12.25 9.65
CA THR A 73 -4.51 11.55 8.47
C THR A 73 -6.03 11.72 8.39
N ASP A 74 -6.58 11.57 7.17
CA ASP A 74 -8.02 11.68 7.04
C ASP A 74 -8.73 10.46 7.60
N VAL A 75 -8.23 9.27 7.32
CA VAL A 75 -8.94 8.04 7.68
C VAL A 75 -7.97 7.09 8.40
N PRO A 76 -8.51 6.13 9.15
CA PRO A 76 -7.64 5.26 9.95
C PRO A 76 -6.73 4.33 9.16
N VAL A 77 -7.08 3.93 7.93
CA VAL A 77 -6.20 2.99 7.24
C VAL A 77 -4.92 3.66 6.77
N VAL A 78 -4.93 4.98 6.56
CA VAL A 78 -3.66 5.69 6.36
C VAL A 78 -2.81 5.61 7.61
N ALA A 79 -3.40 5.94 8.77
CA ALA A 79 -2.68 5.88 10.02
C ALA A 79 -2.09 4.49 10.27
N ALA A 80 -2.87 3.45 10.01
CA ALA A 80 -2.42 2.09 10.30
C ALA A 80 -1.24 1.67 9.43
N ALA A 81 -1.12 2.21 8.22
CA ALA A 81 0.00 1.87 7.35
C ALA A 81 1.24 2.71 7.62
N LEU A 82 1.17 3.69 8.52
CA LEU A 82 2.31 4.51 8.84
C LEU A 82 3.29 3.75 9.73
N ASP A 83 4.58 4.02 9.55
CA ASP A 83 5.59 3.50 10.45
C ASP A 83 5.57 4.34 11.74
N GLN A 84 4.64 3.98 12.63
CA GLN A 84 4.45 4.75 13.85
C GLN A 84 5.66 4.64 14.79
N THR A 85 6.43 3.57 14.69
CA THR A 85 7.63 3.44 15.52
C THR A 85 8.64 4.53 15.21
N ARG A 86 8.96 4.73 13.92
CA ARG A 86 9.93 5.76 13.59
C ARG A 86 9.39 7.14 13.89
N LEU A 87 8.11 7.38 13.59
CA LEU A 87 7.50 8.66 13.92
C LEU A 87 7.60 8.94 15.41
N ALA A 88 7.25 7.96 16.24
CA ALA A 88 7.39 8.10 17.68
C ALA A 88 8.81 8.48 18.07
N HIS A 89 9.80 7.92 17.38
CA HIS A 89 11.20 8.20 17.68
C HIS A 89 11.52 9.68 17.44
N LEU A 90 10.94 10.27 16.40
CA LEU A 90 11.09 11.69 16.14
C LEU A 90 10.21 12.55 17.04
N GLY A 91 9.32 11.96 17.82
CA GLY A 91 8.40 12.73 18.65
C GLY A 91 7.09 13.10 17.99
N CYS A 92 6.78 12.52 16.84
CA CYS A 92 5.57 12.86 16.10
C CYS A 92 4.38 12.06 16.63
N THR A 93 3.30 12.76 16.94
CA THR A 93 2.04 12.15 17.29
C THR A 93 1.17 11.98 16.05
N VAL A 94 0.49 10.85 15.94
CA VAL A 94 -0.37 10.54 14.81
C VAL A 94 -1.81 10.60 15.29
N LYS A 95 -2.64 11.40 14.61
CA LYS A 95 -4.06 11.47 14.86
C LYS A 95 -4.83 11.35 13.55
N THR A 96 -6.11 11.00 13.65
CA THR A 96 -6.95 10.76 12.49
C THR A 96 -8.22 11.60 12.57
N LEU A 97 -8.60 12.19 11.44
CA LEU A 97 -9.75 13.08 11.43
C LEU A 97 -11.07 12.32 11.55
N ILE A 98 -11.22 11.22 10.82
CA ILE A 98 -12.47 10.47 10.75
C ILE A 98 -12.27 9.12 11.40
N ASP A 99 -12.97 8.87 12.50
CA ASP A 99 -12.77 7.63 13.26
C ASP A 99 -13.44 6.43 12.59
N ASP A 100 -14.55 6.64 11.89
CA ASP A 100 -15.26 5.57 11.18
C ASP A 100 -15.62 6.05 9.79
N PRO A 101 -14.84 5.70 8.76
CA PRO A 101 -15.14 6.11 7.39
C PRO A 101 -16.24 5.26 6.74
N ALA A 112 -25.46 14.00 10.32
CA ALA A 112 -24.14 13.38 10.22
C ALA A 112 -23.06 14.45 10.06
N PHE A 113 -23.22 15.30 9.05
CA PHE A 113 -22.41 16.49 8.89
C PHE A 113 -22.88 17.64 9.79
N TRP A 114 -23.77 17.36 10.73
CA TRP A 114 -24.30 18.35 11.66
C TRP A 114 -23.89 18.07 13.11
N HIS A 115 -22.92 17.19 13.33
CA HIS A 115 -22.42 16.92 14.67
C HIS A 115 -21.48 18.04 15.14
N HIS A 116 -21.19 18.04 16.44
CA HIS A 116 -20.29 19.04 17.00
C HIS A 116 -18.82 18.65 16.87
N ASP A 117 -18.50 17.35 16.97
CA ASP A 117 -17.12 16.87 16.83
C ASP A 117 -16.82 16.42 15.40
N HIS A 118 -17.43 17.08 14.42
CA HIS A 118 -17.22 16.79 13.01
C HIS A 118 -15.73 16.80 12.65
N TRP A 119 -15.36 16.07 11.60
CA TRP A 119 -13.95 16.02 11.22
C TRP A 119 -13.42 17.39 10.82
N GLN A 120 -14.27 18.28 10.32
CA GLN A 120 -13.78 19.61 9.97
C GLN A 120 -13.47 20.43 11.22
N GLN A 121 -14.17 20.19 12.32
CA GLN A 121 -13.84 20.84 13.58
C GLN A 121 -12.43 20.49 14.02
N ARG A 122 -12.03 19.23 13.85
CA ARG A 122 -10.67 18.81 14.15
C ARG A 122 -9.67 19.39 13.15
N LEU A 123 -9.94 19.25 11.84
CA LEU A 123 -9.04 19.82 10.83
C LEU A 123 -8.74 21.30 11.11
N GLN A 124 -9.77 22.07 11.47
CA GLN A 124 -9.62 23.49 11.80
C GLN A 124 -8.69 23.75 12.96
N GLN A 125 -8.47 22.77 13.82
CA GLN A 125 -7.61 22.91 14.98
C GLN A 125 -6.20 22.39 14.71
N ILE A 126 -5.91 22.01 13.46
CA ILE A 126 -4.61 21.39 13.21
C ILE A 126 -3.49 22.38 13.55
N PRO A 127 -2.49 22.00 14.33
CA PRO A 127 -1.43 22.94 14.70
C PRO A 127 -0.61 23.38 13.50
N GLN A 128 -0.10 24.60 13.58
CA GLN A 128 0.76 25.10 12.51
C GLN A 128 1.97 24.19 12.37
N GLY A 129 2.31 23.85 11.13
CA GLY A 129 3.46 23.01 10.87
C GLY A 129 3.21 21.52 10.93
N SER A 130 1.96 21.06 11.01
CA SER A 130 1.76 19.63 11.00
C SER A 130 1.73 19.07 9.58
N VAL A 131 1.81 17.75 9.50
CA VAL A 131 1.75 17.02 8.23
C VAL A 131 0.33 16.46 8.11
N LEU A 132 -0.32 16.77 7.00
CA LEU A 132 -1.66 16.30 6.72
C LEU A 132 -1.56 15.28 5.59
N ALA A 133 -1.98 14.04 5.86
CA ALA A 133 -1.88 12.96 4.88
C ALA A 133 -3.29 12.48 4.54
N ILE A 134 -3.72 12.70 3.30
CA ILE A 134 -5.08 12.40 2.87
C ILE A 134 -5.01 11.26 1.86
N GLY A 135 -5.55 10.10 2.23
CA GLY A 135 -5.51 8.93 1.38
C GLY A 135 -6.86 8.41 0.93
N TYR A 136 -7.95 9.11 1.26
CA TYR A 136 -9.26 8.58 0.88
C TYR A 136 -10.19 9.65 0.33
N ALA A 137 -10.52 10.69 1.13
CA ALA A 137 -11.67 11.54 0.85
C ALA A 137 -11.27 12.82 0.13
N PRO A 138 -11.69 13.04 -1.12
CA PRO A 138 -11.46 14.33 -1.76
C PRO A 138 -12.11 15.49 -1.03
N SER A 139 -13.27 15.29 -0.39
CA SER A 139 -13.91 16.37 0.36
C SER A 139 -12.99 16.90 1.45
N VAL A 140 -12.22 16.02 2.10
CA VAL A 140 -11.28 16.48 3.12
C VAL A 140 -10.19 17.33 2.48
N LEU A 141 -9.66 16.87 1.33
CA LEU A 141 -8.64 17.65 0.63
C LEU A 141 -9.18 19.02 0.22
N LEU A 142 -10.38 19.06 -0.35
CA LEU A 142 -10.94 20.34 -0.79
C LEU A 142 -11.19 21.28 0.39
N THR A 143 -11.72 20.75 1.49
CA THR A 143 -11.92 21.55 2.69
C THR A 143 -10.61 22.07 3.23
N ALA A 144 -9.57 21.22 3.26
CA ALA A 144 -8.25 21.68 3.68
C ALA A 144 -7.75 22.81 2.79
N CYS A 145 -7.93 22.68 1.46
CA CYS A 145 -7.45 23.72 0.56
C CYS A 145 -8.14 25.05 0.86
N LYS A 146 -9.45 25.01 1.13
CA LYS A 146 -10.20 26.24 1.36
C LYS A 146 -9.81 26.86 2.70
N LEU A 147 -9.58 26.02 3.72
CA LEU A 147 -9.11 26.55 5.00
C LEU A 147 -7.73 27.18 4.84
N ILE A 148 -6.88 26.60 3.96
CA ILE A 148 -5.53 27.12 3.76
C ILE A 148 -5.58 28.47 3.04
N GLU A 149 -6.40 28.56 2.00
CA GLU A 149 -6.61 29.81 1.26
C GLU A 149 -7.07 30.94 2.18
N GLN A 150 -7.92 30.63 3.15
CA GLN A 150 -8.35 31.66 4.09
C GLN A 150 -7.39 31.81 5.26
N GLN A 151 -6.30 31.03 5.26
CA GLN A 151 -5.25 31.07 6.27
C GLN A 151 -5.76 30.67 7.64
N HIS A 152 -6.84 29.89 7.71
CA HIS A 152 -7.31 29.36 8.98
C HIS A 152 -6.39 28.26 9.52
N ILE A 153 -5.70 27.53 8.64
CA ILE A 153 -4.74 26.51 9.03
C ILE A 153 -3.50 26.68 8.18
N GLN A 154 -2.39 26.12 8.65
CA GLN A 154 -1.11 26.24 7.97
C GLN A 154 -0.29 24.99 8.21
N PRO A 155 -0.60 23.90 7.52
CA PRO A 155 0.24 22.71 7.63
C PRO A 155 1.60 22.92 6.99
N ALA A 156 2.59 22.12 7.43
CA ALA A 156 3.89 22.15 6.77
C ALA A 156 3.88 21.40 5.44
N LEU A 157 3.00 20.41 5.30
CA LEU A 157 2.94 19.59 4.10
C LEU A 157 1.55 18.99 3.98
N VAL A 158 1.00 18.99 2.76
CA VAL A 158 -0.22 18.25 2.49
C VAL A 158 0.13 17.13 1.50
N ILE A 159 -0.14 15.88 1.88
CA ILE A 159 -0.08 14.75 0.97
C ILE A 159 -1.51 14.49 0.55
N GLY A 160 -1.86 14.92 -0.65
CA GLY A 160 -3.21 14.84 -1.14
C GLY A 160 -3.35 13.71 -2.12
N MET A 161 -3.74 12.54 -1.61
CA MET A 161 -3.83 11.32 -2.42
C MET A 161 -5.16 10.60 -2.24
N PRO A 162 -6.29 11.31 -2.37
CA PRO A 162 -7.60 10.66 -2.23
C PRO A 162 -7.83 9.63 -3.32
N ILE A 163 -8.79 8.74 -3.05
CA ILE A 163 -9.29 7.82 -4.06
C ILE A 163 -9.97 8.61 -5.18
N GLY A 164 -10.04 8.01 -6.37
CA GLY A 164 -10.57 8.67 -7.57
C GLY A 164 -12.08 8.81 -7.64
N PHE A 165 -12.72 9.21 -6.55
CA PHE A 165 -14.11 9.65 -6.64
C PHE A 165 -14.23 10.82 -7.63
N SER A 166 -15.47 11.08 -8.07
CA SER A 166 -15.68 12.00 -9.18
C SER A 166 -15.09 13.39 -8.91
N HIS A 167 -15.07 13.82 -7.66
CA HIS A 167 -14.53 15.13 -7.35
C HIS A 167 -13.04 15.11 -6.98
N ALA A 168 -12.36 13.96 -7.10
CA ALA A 168 -10.94 13.90 -6.74
C ALA A 168 -10.03 14.71 -7.67
N PRO A 169 -10.23 14.70 -9.00
CA PRO A 169 -9.36 15.54 -9.85
C PRO A 169 -9.43 17.02 -9.52
N GLY A 170 -10.62 17.56 -9.27
CA GLY A 170 -10.72 18.97 -8.92
C GLY A 170 -10.05 19.30 -7.60
N ALA A 171 -10.19 18.43 -6.61
CA ALA A 171 -9.54 18.67 -5.33
C ALA A 171 -8.02 18.73 -5.48
N LYS A 172 -7.45 17.79 -6.26
CA LYS A 172 -6.00 17.77 -6.43
C LYS A 172 -5.52 18.94 -7.28
N ARG A 173 -6.28 19.33 -8.30
CA ARG A 173 -5.97 20.54 -9.05
C ARG A 173 -5.93 21.75 -8.13
N ARG A 174 -6.96 21.88 -7.27
CA ARG A 174 -6.98 22.94 -6.27
C ARG A 174 -5.71 22.93 -5.41
N LEU A 175 -5.31 21.73 -4.97
CA LEU A 175 -4.09 21.62 -4.16
C LEU A 175 -2.86 22.10 -4.92
N MET A 176 -2.76 21.75 -6.21
CA MET A 176 -1.56 22.13 -6.94
C MET A 176 -1.46 23.64 -7.15
N THR A 177 -2.54 24.40 -7.00
CA THR A 177 -2.44 25.85 -7.02
C THR A 177 -2.06 26.43 -5.66
N SER A 178 -2.02 25.60 -4.61
CA SER A 178 -1.82 26.11 -3.28
C SER A 178 -0.35 26.52 -3.06
N PRO A 179 -0.11 27.53 -2.24
CA PRO A 179 1.27 27.84 -1.83
C PRO A 179 1.82 26.91 -0.76
N ILE A 180 0.99 26.11 -0.11
CA ILE A 180 1.48 25.21 0.94
C ILE A 180 2.21 24.05 0.29
N PRO A 181 3.36 23.62 0.81
CA PRO A 181 4.07 22.49 0.19
C PRO A 181 3.19 21.25 0.13
N HIS A 182 3.33 20.49 -0.95
CA HIS A 182 2.43 19.36 -1.14
C HIS A 182 3.08 18.30 -2.02
N ILE A 183 2.55 17.09 -1.91
CA ILE A 183 2.84 15.97 -2.81
C ILE A 183 1.49 15.37 -3.18
N THR A 184 1.25 15.21 -4.48
CA THR A 184 -0.03 14.69 -4.92
C THR A 184 0.20 13.84 -6.15
N ILE A 185 -0.88 13.34 -6.76
CA ILE A 185 -0.79 12.46 -7.92
C ILE A 185 -1.71 12.96 -9.01
N GLN A 186 -1.14 13.26 -10.17
CA GLN A 186 -1.92 13.60 -11.35
C GLN A 186 -2.47 12.30 -11.93
N GLY A 187 -3.79 12.09 -11.85
CA GLY A 187 -4.39 10.87 -12.37
C GLY A 187 -5.21 10.18 -11.31
N SER A 188 -5.55 8.91 -11.56
CA SER A 188 -6.56 8.23 -10.75
C SER A 188 -6.00 7.56 -9.52
N LEU A 189 -4.72 7.18 -9.51
CA LEU A 189 -4.12 6.51 -8.35
C LEU A 189 -4.17 7.39 -7.09
N GLY A 190 -4.04 6.73 -5.95
CA GLY A 190 -4.19 7.35 -4.64
C GLY A 190 -4.37 6.25 -3.62
N GLY A 191 -4.71 6.61 -2.40
CA GLY A 191 -5.18 5.61 -1.45
C GLY A 191 -4.41 5.62 -0.15
N GLY A 192 -4.89 4.79 0.77
CA GLY A 192 -4.36 4.82 2.12
C GLY A 192 -2.90 4.41 2.15
N LEU A 193 -2.57 3.33 1.43
CA LEU A 193 -1.19 2.91 1.39
C LEU A 193 -0.33 3.97 0.73
N LEU A 194 -0.80 4.53 -0.39
CA LEU A 194 0.07 5.44 -1.13
C LEU A 194 0.41 6.67 -0.31
N ALA A 195 -0.59 7.23 0.39
CA ALA A 195 -0.32 8.39 1.24
C ALA A 195 0.61 8.03 2.38
N ALA A 196 0.41 6.87 3.00
CA ALA A 196 1.27 6.46 4.11
C ALA A 196 2.68 6.11 3.62
N VAL A 197 2.78 5.44 2.48
CA VAL A 197 4.10 5.10 1.94
C VAL A 197 4.89 6.36 1.67
N THR A 198 4.22 7.40 1.18
CA THR A 198 4.87 8.68 0.92
C THR A 198 5.52 9.22 2.20
N LEU A 199 4.77 9.20 3.30
CA LEU A 199 5.32 9.74 4.55
C LEU A 199 6.37 8.82 5.13
N ASN A 200 6.15 7.50 5.07
CA ASN A 200 7.16 6.54 5.53
C ASN A 200 8.49 6.71 4.77
N ALA A 201 8.42 7.01 3.49
CA ALA A 201 9.65 7.19 2.72
C ALA A 201 10.41 8.44 3.16
N LEU A 202 9.68 9.51 3.49
CA LEU A 202 10.32 10.73 3.96
C LEU A 202 10.93 10.52 5.35
N VAL A 203 10.23 9.81 6.23
CA VAL A 203 10.77 9.48 7.54
C VAL A 203 12.02 8.63 7.41
N GLU A 204 12.01 7.66 6.47
CA GLU A 204 13.14 6.75 6.30
C GLU A 204 14.42 7.52 6.00
N THR A 205 14.34 8.53 5.15
CA THR A 205 15.50 9.38 4.86
C THR A 205 16.06 10.06 6.09
N LEU A 206 15.27 10.25 7.14
CA LEU A 206 15.80 10.87 8.35
C LEU A 206 16.37 9.82 9.29
N ILE A 207 15.53 8.94 9.81
CA ILE A 207 15.94 7.96 10.80
C ILE A 207 16.49 6.71 10.13
N GLN B 14 -20.74 11.97 -3.31
CA GLN B 14 -20.71 10.72 -2.55
C GLN B 14 -19.30 10.13 -2.50
N GLU B 15 -18.87 9.77 -1.30
CA GLU B 15 -17.58 9.11 -1.10
C GLU B 15 -17.80 7.72 -0.53
N SER B 16 -18.55 6.90 -1.25
CA SER B 16 -18.86 5.54 -0.86
C SER B 16 -18.15 4.60 -1.82
N LEU B 17 -17.31 3.72 -1.28
CA LEU B 17 -16.59 2.78 -2.13
C LEU B 17 -17.56 1.89 -2.90
N LYS B 18 -18.63 1.44 -2.24
CA LYS B 18 -19.62 0.59 -2.92
C LYS B 18 -20.23 1.31 -4.12
N HIS B 19 -20.39 2.64 -4.03
CA HIS B 19 -20.93 3.40 -5.14
C HIS B 19 -19.92 3.58 -6.27
N LEU B 20 -18.62 3.58 -5.93
CA LEU B 20 -17.59 3.79 -6.95
C LEU B 20 -17.33 2.52 -7.75
N LEU B 21 -17.42 1.35 -7.11
CA LEU B 21 -17.10 0.09 -7.74
C LEU B 21 -18.33 -0.50 -8.43
N PRO B 22 -18.12 -1.40 -9.41
CA PRO B 22 -19.26 -2.12 -10.01
C PRO B 22 -19.97 -2.99 -8.98
N ASP B 23 -21.19 -3.38 -9.33
CA ASP B 23 -21.96 -4.27 -8.47
C ASP B 23 -21.19 -5.57 -8.23
N LEU B 24 -20.94 -5.88 -6.96
CA LEU B 24 -20.14 -7.03 -6.57
C LEU B 24 -20.95 -8.12 -5.89
N SER B 25 -22.28 -8.07 -6.02
CA SER B 25 -23.12 -8.97 -5.24
C SER B 25 -22.92 -10.42 -5.59
N ALA B 26 -22.43 -10.73 -6.79
CA ALA B 26 -22.17 -12.11 -7.19
C ALA B 26 -20.89 -12.68 -6.59
N TYR B 27 -20.15 -11.90 -5.81
CA TYR B 27 -18.95 -12.35 -5.13
C TYR B 27 -19.23 -12.55 -3.65
N SER B 28 -18.41 -13.37 -3.00
CA SER B 28 -18.62 -13.66 -1.60
C SER B 28 -18.20 -12.47 -0.73
N GLU B 29 -18.68 -12.47 0.52
CA GLU B 29 -18.41 -11.34 1.40
C GLU B 29 -16.91 -11.18 1.65
N ILE B 30 -16.18 -12.29 1.78
CA ILE B 30 -14.75 -12.21 2.02
C ILE B 30 -14.04 -11.69 0.77
N THR B 31 -14.49 -12.10 -0.42
CA THR B 31 -13.91 -11.60 -1.66
C THR B 31 -14.12 -10.09 -1.81
N ILE B 32 -15.31 -9.59 -1.47
CA ILE B 32 -15.57 -8.15 -1.59
C ILE B 32 -14.72 -7.38 -0.62
N HIS B 33 -14.55 -7.92 0.60
CA HIS B 33 -13.67 -7.25 1.56
C HIS B 33 -12.25 -7.16 1.00
N LEU B 34 -11.72 -8.27 0.50
CA LEU B 34 -10.39 -8.25 -0.10
C LEU B 34 -10.29 -7.22 -1.20
N LEU B 35 -11.28 -7.17 -2.09
CA LEU B 35 -11.21 -6.25 -3.23
C LEU B 35 -11.31 -4.81 -2.77
N HIS B 36 -12.13 -4.55 -1.75
CA HIS B 36 -12.17 -3.22 -1.18
C HIS B 36 -10.80 -2.79 -0.65
N GLN B 37 -10.14 -3.68 0.10
CA GLN B 37 -8.86 -3.31 0.70
C GLN B 37 -7.82 -2.99 -0.37
N LEU B 38 -7.78 -3.79 -1.44
CA LEU B 38 -6.84 -3.52 -2.52
C LEU B 38 -7.11 -2.18 -3.19
N VAL B 39 -8.38 -1.86 -3.44
CA VAL B 39 -8.72 -0.58 -4.07
C VAL B 39 -8.43 0.58 -3.12
N LEU B 40 -8.74 0.41 -1.83
CA LEU B 40 -8.43 1.46 -0.86
C LEU B 40 -6.93 1.72 -0.78
N ALA B 41 -6.11 0.68 -1.02
CA ALA B 41 -4.67 0.81 -0.82
C ALA B 41 -4.02 1.60 -1.94
N CYS B 42 -4.44 1.39 -3.19
CA CYS B 42 -3.75 1.98 -4.33
C CYS B 42 -4.65 2.71 -5.31
N GLY B 43 -5.97 2.62 -5.17
CA GLY B 43 -6.88 3.43 -5.96
C GLY B 43 -7.29 2.86 -7.31
N ASP B 44 -6.75 1.70 -7.71
CA ASP B 44 -7.01 1.16 -9.03
C ASP B 44 -8.31 0.35 -8.99
N VAL B 45 -9.40 0.96 -9.45
CA VAL B 45 -10.68 0.26 -9.43
C VAL B 45 -10.68 -0.95 -10.35
N SER B 46 -9.77 -1.01 -11.33
CA SER B 46 -9.72 -2.16 -12.24
C SER B 46 -9.27 -3.44 -11.56
N LEU B 47 -8.74 -3.34 -10.34
CA LEU B 47 -8.38 -4.54 -9.59
C LEU B 47 -9.59 -5.45 -9.35
N VAL B 48 -10.80 -4.88 -9.35
CA VAL B 48 -12.01 -5.68 -9.24
C VAL B 48 -11.99 -6.84 -10.24
N ASN B 49 -11.53 -6.57 -11.47
CA ASN B 49 -11.53 -7.61 -12.49
C ASN B 49 -10.16 -8.26 -12.68
N ALA B 50 -9.09 -7.60 -12.24
CA ALA B 50 -7.74 -8.13 -12.44
C ALA B 50 -7.29 -9.10 -11.35
N VAL B 51 -7.84 -9.01 -10.14
CA VAL B 51 -7.54 -9.96 -9.10
C VAL B 51 -8.18 -11.30 -9.44
N ARG B 52 -7.36 -12.36 -9.50
CA ARG B 52 -7.85 -13.70 -9.82
C ARG B 52 -7.60 -14.59 -8.61
N LEU B 53 -8.66 -15.22 -8.11
CA LEU B 53 -8.59 -16.14 -6.99
C LEU B 53 -8.91 -17.55 -7.49
N SER B 54 -8.05 -18.50 -7.16
CA SER B 54 -8.36 -19.89 -7.50
C SER B 54 -9.48 -20.38 -6.60
N GLN B 55 -10.10 -21.49 -7.02
CA GLN B 55 -11.33 -21.91 -6.38
C GLN B 55 -11.13 -22.25 -4.90
N GLY B 56 -9.96 -22.77 -4.52
CA GLY B 56 -9.73 -23.07 -3.13
C GLY B 56 -9.03 -21.99 -2.31
N ALA B 57 -8.78 -20.81 -2.89
CA ALA B 57 -7.80 -19.90 -2.30
C ALA B 57 -8.23 -19.44 -0.91
N ILE B 58 -9.46 -18.94 -0.77
CA ILE B 58 -9.87 -18.32 0.48
C ILE B 58 -9.98 -19.36 1.58
N ALA B 59 -10.65 -20.49 1.30
CA ALA B 59 -10.83 -21.51 2.33
C ALA B 59 -9.50 -22.11 2.75
N SER B 60 -8.59 -22.33 1.81
CA SER B 60 -7.30 -22.90 2.18
C SER B 60 -6.50 -21.91 3.02
N ALA B 61 -6.51 -20.63 2.63
CA ALA B 61 -5.78 -19.61 3.38
C ALA B 61 -6.31 -19.46 4.80
N ARG B 62 -7.65 -19.43 4.95
CA ARG B 62 -8.23 -19.21 6.26
C ARG B 62 -7.98 -20.40 7.19
N ASP B 63 -8.06 -21.63 6.68
CA ASP B 63 -7.70 -22.79 7.49
C ASP B 63 -6.24 -22.73 7.92
N ALA B 64 -5.34 -22.38 7.01
CA ALA B 64 -3.93 -22.28 7.37
C ALA B 64 -3.71 -21.25 8.48
N LEU B 65 -4.28 -20.06 8.30
CA LEU B 65 -4.07 -18.98 9.26
C LEU B 65 -4.69 -19.31 10.62
N LYS B 66 -5.85 -19.98 10.61
CA LYS B 66 -6.45 -20.40 11.88
C LYS B 66 -5.53 -21.31 12.65
N ALA B 67 -4.80 -22.17 11.96
CA ALA B 67 -3.86 -23.08 12.60
C ALA B 67 -2.51 -22.45 12.89
N GLY B 68 -2.34 -21.14 12.66
CA GLY B 68 -1.06 -20.50 12.91
C GLY B 68 0.03 -20.99 11.98
N CYS B 69 -0.24 -20.96 10.68
CA CYS B 69 0.73 -21.44 9.71
C CYS B 69 1.93 -20.50 9.63
N PRO B 70 3.07 -20.99 9.14
CA PRO B 70 4.18 -20.08 8.84
C PRO B 70 3.82 -19.19 7.65
N VAL B 71 4.25 -17.94 7.71
CA VAL B 71 4.11 -16.99 6.62
C VAL B 71 5.51 -16.64 6.12
N VAL B 72 5.68 -16.68 4.80
CA VAL B 72 6.96 -16.46 4.14
C VAL B 72 6.74 -15.44 3.04
N THR B 73 7.58 -14.41 3.00
CA THR B 73 7.55 -13.45 1.90
C THR B 73 8.83 -13.57 1.08
N ASP B 74 8.79 -13.05 -0.14
CA ASP B 74 10.02 -13.05 -0.91
C ASP B 74 11.02 -12.01 -0.40
N VAL B 75 10.56 -10.80 -0.06
CA VAL B 75 11.48 -9.70 0.26
C VAL B 75 11.04 -9.03 1.57
N PRO B 76 11.95 -8.30 2.23
CA PRO B 76 11.60 -7.67 3.53
C PRO B 76 10.52 -6.61 3.48
N VAL B 77 10.40 -5.81 2.40
CA VAL B 77 9.38 -4.77 2.49
C VAL B 77 7.98 -5.36 2.44
N VAL B 78 7.80 -6.54 1.83
CA VAL B 78 6.52 -7.23 1.88
C VAL B 78 6.23 -7.65 3.30
N ALA B 79 7.21 -8.23 3.98
CA ALA B 79 7.03 -8.64 5.37
C ALA B 79 6.76 -7.44 6.26
N ALA B 80 7.45 -6.31 6.01
CA ALA B 80 7.25 -5.13 6.87
C ALA B 80 5.85 -4.56 6.73
N ALA B 81 5.17 -4.79 5.61
CA ALA B 81 3.84 -4.25 5.41
C ALA B 81 2.75 -5.15 5.96
N LEU B 82 3.12 -6.33 6.45
CA LEU B 82 2.15 -7.25 7.00
C LEU B 82 1.70 -6.76 8.37
N ASP B 83 0.46 -7.06 8.72
CA ASP B 83 0.00 -6.74 10.06
C ASP B 83 0.52 -7.83 11.00
N GLN B 84 1.75 -7.65 11.47
CA GLN B 84 2.43 -8.71 12.22
C GLN B 84 1.83 -8.93 13.60
N THR B 85 1.12 -7.95 14.14
CA THR B 85 0.47 -8.12 15.43
C THR B 85 -0.65 -9.13 15.34
N ARG B 86 -1.55 -8.97 14.37
CA ARG B 86 -2.62 -9.96 14.21
C ARG B 86 -2.05 -11.33 13.85
N LEU B 87 -0.97 -11.36 13.07
CA LEU B 87 -0.38 -12.65 12.71
C LEU B 87 0.18 -13.36 13.94
N ALA B 88 0.92 -12.63 14.80
CA ALA B 88 1.45 -13.24 16.01
C ALA B 88 0.33 -13.67 16.94
N HIS B 89 -0.74 -12.86 16.97
CA HIS B 89 -1.99 -13.16 17.65
C HIS B 89 -2.53 -14.53 17.24
N LEU B 90 -2.39 -14.89 15.96
CA LEU B 90 -2.83 -16.18 15.43
C LEU B 90 -1.79 -17.29 15.61
N GLY B 91 -0.55 -16.96 15.94
CA GLY B 91 0.50 -17.95 16.06
C GLY B 91 1.39 -18.06 14.84
N CYS B 92 1.18 -17.22 13.84
CA CYS B 92 1.95 -17.29 12.60
C CYS B 92 3.30 -16.59 12.76
N THR B 93 4.36 -17.25 12.32
CA THR B 93 5.66 -16.61 12.24
C THR B 93 5.82 -16.00 10.85
N VAL B 94 6.65 -14.97 10.75
CA VAL B 94 6.93 -14.32 9.47
C VAL B 94 8.42 -14.42 9.20
N LYS B 95 8.77 -14.96 8.03
CA LYS B 95 10.16 -15.08 7.60
C LYS B 95 10.26 -14.63 6.14
N THR B 96 11.48 -14.37 5.70
CA THR B 96 11.71 -13.85 4.36
C THR B 96 12.78 -14.68 3.66
N LEU B 97 12.62 -14.84 2.34
CA LEU B 97 13.52 -15.67 1.56
C LEU B 97 14.79 -14.92 1.16
N ILE B 98 14.71 -13.60 1.00
CA ILE B 98 15.81 -12.77 0.56
C ILE B 98 16.01 -11.66 1.59
N ASP B 99 17.19 -11.64 2.21
CA ASP B 99 17.47 -10.65 3.23
C ASP B 99 17.94 -9.32 2.66
N ASP B 100 18.49 -9.30 1.44
CA ASP B 100 18.98 -8.08 0.82
C ASP B 100 19.02 -8.21 -0.71
N HIS B 115 27.42 -19.18 -1.53
CA HIS B 115 26.31 -19.79 -2.28
C HIS B 115 25.32 -20.47 -1.35
N HIS B 116 25.64 -20.48 -0.06
CA HIS B 116 24.82 -21.14 0.95
C HIS B 116 23.76 -20.18 1.48
N ASP B 117 22.63 -20.74 1.92
CA ASP B 117 21.49 -19.95 2.38
C ASP B 117 20.99 -19.01 1.29
N HIS B 118 21.21 -19.39 0.03
CA HIS B 118 20.54 -18.75 -1.09
C HIS B 118 19.03 -18.85 -0.93
N TRP B 119 18.30 -17.95 -1.60
CA TRP B 119 16.85 -17.96 -1.46
C TRP B 119 16.23 -19.24 -2.02
N GLN B 120 16.83 -19.86 -3.03
CA GLN B 120 16.24 -21.09 -3.55
C GLN B 120 16.29 -22.21 -2.53
N GLN B 121 17.36 -22.26 -1.72
CA GLN B 121 17.43 -23.28 -0.69
C GLN B 121 16.39 -23.04 0.39
N ARG B 122 16.22 -21.79 0.80
CA ARG B 122 15.16 -21.44 1.74
C ARG B 122 13.79 -21.79 1.17
N LEU B 123 13.58 -21.52 -0.12
CA LEU B 123 12.29 -21.83 -0.72
C LEU B 123 12.03 -23.33 -0.72
N GLN B 124 13.05 -24.14 -1.07
CA GLN B 124 12.89 -25.60 -1.05
C GLN B 124 12.46 -26.10 0.31
N GLN B 125 12.82 -25.39 1.37
CA GLN B 125 12.53 -25.84 2.72
C GLN B 125 11.23 -25.28 3.26
N ILE B 126 10.49 -24.50 2.47
CA ILE B 126 9.28 -23.84 2.98
C ILE B 126 8.35 -24.92 3.57
N PRO B 127 7.80 -24.72 4.76
CA PRO B 127 7.01 -25.78 5.38
C PRO B 127 5.67 -26.00 4.67
N GLN B 128 5.22 -27.25 4.70
CA GLN B 128 3.93 -27.59 4.15
C GLN B 128 2.83 -26.78 4.83
N GLY B 129 1.87 -26.31 4.05
CA GLY B 129 0.77 -25.55 4.59
C GLY B 129 1.10 -24.11 4.93
N SER B 130 2.26 -23.60 4.53
CA SER B 130 2.56 -22.21 4.79
C SER B 130 1.91 -21.32 3.74
N VAL B 131 1.87 -20.02 4.03
CA VAL B 131 1.41 -18.99 3.09
C VAL B 131 2.65 -18.33 2.51
N LEU B 132 2.73 -18.32 1.18
CA LEU B 132 3.86 -17.73 0.48
C LEU B 132 3.38 -16.47 -0.21
N ALA B 133 3.90 -15.32 0.20
CA ALA B 133 3.47 -14.02 -0.34
C ALA B 133 4.63 -13.43 -1.13
N ILE B 134 4.45 -13.30 -2.43
CA ILE B 134 5.51 -12.85 -3.33
C ILE B 134 5.09 -11.50 -3.88
N GLY B 135 5.83 -10.45 -3.53
CA GLY B 135 5.43 -9.13 -3.94
C GLY B 135 6.45 -8.46 -4.84
N TYR B 136 7.58 -9.12 -5.07
CA TYR B 136 8.66 -8.46 -5.80
C TYR B 136 9.20 -9.29 -6.98
N ALA B 137 9.71 -10.49 -6.73
CA ALA B 137 10.59 -11.15 -7.71
C ALA B 137 9.86 -12.21 -8.54
N PRO B 138 9.70 -12.02 -9.85
CA PRO B 138 9.13 -13.10 -10.68
C PRO B 138 9.92 -14.40 -10.60
N SER B 139 11.24 -14.34 -10.43
CA SER B 139 12.05 -15.57 -10.41
C SER B 139 11.67 -16.46 -9.23
N VAL B 140 11.38 -15.86 -8.08
CA VAL B 140 10.94 -16.63 -6.92
C VAL B 140 9.61 -17.32 -7.23
N LEU B 141 8.71 -16.60 -7.90
CA LEU B 141 7.42 -17.19 -8.25
C LEU B 141 7.60 -18.35 -9.24
N LEU B 142 8.47 -18.16 -10.23
CA LEU B 142 8.72 -19.23 -11.21
C LEU B 142 9.26 -20.48 -10.51
N THR B 143 10.29 -20.33 -9.67
CA THR B 143 10.85 -21.48 -8.98
C THR B 143 9.80 -22.15 -8.09
N ALA B 144 8.97 -21.35 -7.41
CA ALA B 144 7.94 -21.93 -6.55
C ALA B 144 6.94 -22.75 -7.36
N CYS B 145 6.53 -22.24 -8.52
CA CYS B 145 5.61 -23.01 -9.36
C CYS B 145 6.24 -24.31 -9.82
N LYS B 146 7.52 -24.29 -10.20
CA LYS B 146 8.20 -25.52 -10.56
C LYS B 146 8.22 -26.51 -9.41
N LEU B 147 8.64 -26.05 -8.23
CA LEU B 147 8.69 -26.92 -7.05
C LEU B 147 7.33 -27.50 -6.73
N ILE B 148 6.27 -26.75 -7.03
CA ILE B 148 4.91 -27.24 -6.78
C ILE B 148 4.52 -28.29 -7.81
N GLU B 149 4.82 -28.05 -9.10
CA GLU B 149 4.53 -29.06 -10.11
C GLU B 149 5.21 -30.38 -9.78
N GLN B 150 6.48 -30.33 -9.38
CA GLN B 150 7.26 -31.50 -9.03
C GLN B 150 6.91 -32.02 -7.65
N GLN B 151 5.93 -31.40 -7.00
CA GLN B 151 5.40 -31.83 -5.71
C GLN B 151 6.47 -31.86 -4.61
N HIS B 152 7.42 -30.95 -4.68
CA HIS B 152 8.39 -30.87 -3.59
C HIS B 152 7.87 -29.99 -2.44
N ILE B 153 7.16 -28.90 -2.73
CA ILE B 153 6.58 -28.03 -1.71
C ILE B 153 5.07 -28.01 -1.91
N GLN B 154 4.35 -27.72 -0.81
CA GLN B 154 2.89 -27.59 -0.86
C GLN B 154 2.42 -26.53 0.11
N PRO B 155 2.56 -25.25 -0.24
CA PRO B 155 1.98 -24.19 0.59
C PRO B 155 0.47 -24.24 0.58
N ALA B 156 -0.13 -23.72 1.65
CA ALA B 156 -1.58 -23.54 1.66
C ALA B 156 -2.04 -22.44 0.72
N LEU B 157 -1.17 -21.49 0.39
CA LEU B 157 -1.57 -20.37 -0.45
C LEU B 157 -0.31 -19.73 -1.03
N VAL B 158 -0.37 -19.39 -2.31
CA VAL B 158 0.66 -18.56 -2.92
C VAL B 158 -0.04 -17.29 -3.39
N ILE B 159 0.39 -16.17 -2.84
CA ILE B 159 -0.03 -14.86 -3.32
C ILE B 159 1.07 -14.42 -4.26
N GLY B 160 0.79 -14.47 -5.56
CA GLY B 160 1.84 -14.18 -6.51
C GLY B 160 1.59 -12.85 -7.18
N MET B 161 2.22 -11.80 -6.67
CA MET B 161 2.00 -10.44 -7.18
C MET B 161 3.32 -9.71 -7.36
N PRO B 162 4.25 -10.28 -8.12
CA PRO B 162 5.56 -9.64 -8.28
C PRO B 162 5.44 -8.33 -9.05
N ILE B 163 6.48 -7.50 -8.89
CA ILE B 163 6.62 -6.28 -9.68
C ILE B 163 6.84 -6.64 -11.16
N GLY B 164 6.39 -5.76 -12.05
CA GLY B 164 6.38 -6.00 -13.49
C GLY B 164 7.72 -6.06 -14.20
N PHE B 165 8.66 -6.83 -13.68
CA PHE B 165 9.90 -7.07 -14.40
C PHE B 165 9.61 -7.97 -15.61
N SER B 166 10.65 -8.12 -16.46
CA SER B 166 10.46 -8.73 -17.77
C SER B 166 9.85 -10.12 -17.70
N HIS B 167 10.13 -10.89 -16.65
CA HIS B 167 9.64 -12.25 -16.51
C HIS B 167 8.33 -12.36 -15.74
N ALA B 168 7.77 -11.25 -15.28
CA ALA B 168 6.56 -11.35 -14.46
C ALA B 168 5.35 -11.90 -15.19
N PRO B 169 5.03 -11.51 -16.42
CA PRO B 169 3.84 -12.10 -17.06
C PRO B 169 3.94 -13.61 -17.18
N GLY B 170 5.11 -14.13 -17.55
CA GLY B 170 5.29 -15.57 -17.60
C GLY B 170 5.13 -16.24 -16.25
N ALA B 171 5.70 -15.64 -15.20
CA ALA B 171 5.62 -16.25 -13.87
C ALA B 171 4.17 -16.34 -13.40
N LYS B 172 3.40 -15.28 -13.64
CA LYS B 172 2.02 -15.29 -13.16
C LYS B 172 1.15 -16.20 -14.00
N ARG B 173 1.48 -16.40 -15.28
CA ARG B 173 0.77 -17.39 -16.08
C ARG B 173 1.00 -18.81 -15.55
N ARG B 174 2.24 -19.12 -15.15
CA ARG B 174 2.49 -20.41 -14.52
C ARG B 174 1.69 -20.57 -13.23
N LEU B 175 1.55 -19.49 -12.43
CA LEU B 175 0.77 -19.58 -11.21
C LEU B 175 -0.71 -19.86 -11.50
N MET B 176 -1.27 -19.22 -12.52
CA MET B 176 -2.70 -19.40 -12.86
C MET B 176 -3.04 -20.85 -13.14
N THR B 177 -2.11 -21.63 -13.69
CA THR B 177 -2.37 -23.03 -13.98
C THR B 177 -1.81 -23.95 -12.92
N SER B 178 -1.25 -23.40 -11.85
CA SER B 178 -0.74 -24.23 -10.78
C SER B 178 -1.90 -24.88 -10.04
N PRO B 179 -1.73 -26.13 -9.57
CA PRO B 179 -2.77 -26.73 -8.73
C PRO B 179 -2.82 -26.16 -7.31
N ILE B 180 -1.83 -25.37 -6.90
CA ILE B 180 -1.80 -24.83 -5.53
C ILE B 180 -2.88 -23.75 -5.40
N PRO B 181 -3.53 -23.58 -4.24
CA PRO B 181 -4.45 -22.44 -4.09
C PRO B 181 -3.68 -21.15 -4.17
N HIS B 182 -4.24 -20.16 -4.88
CA HIS B 182 -3.44 -18.99 -5.18
C HIS B 182 -4.32 -17.78 -5.45
N ILE B 183 -3.70 -16.61 -5.35
CA ILE B 183 -4.28 -15.32 -5.69
C ILE B 183 -3.24 -14.56 -6.50
N THR B 184 -3.64 -14.00 -7.62
CA THR B 184 -2.69 -13.23 -8.43
C THR B 184 -3.43 -12.07 -9.07
N ILE B 185 -2.70 -11.31 -9.90
CA ILE B 185 -3.24 -10.14 -10.57
C ILE B 185 -2.96 -10.28 -12.06
N GLN B 186 -4.01 -10.23 -12.87
CA GLN B 186 -3.91 -10.37 -14.33
C GLN B 186 -4.68 -9.23 -14.99
N GLY B 187 -4.01 -8.50 -15.87
CA GLY B 187 -4.66 -7.40 -16.55
C GLY B 187 -4.54 -6.07 -15.84
N SER B 188 -3.62 -5.97 -14.87
CA SER B 188 -3.31 -4.70 -14.23
C SER B 188 -1.83 -4.71 -13.86
N LEU B 189 -1.28 -3.52 -13.66
CA LEU B 189 0.10 -3.38 -13.23
C LEU B 189 0.29 -3.61 -11.73
N GLY B 190 -0.76 -4.00 -11.02
CA GLY B 190 -0.66 -4.16 -9.59
C GLY B 190 0.36 -5.21 -9.18
N GLY B 191 1.04 -4.95 -8.08
CA GLY B 191 1.97 -5.89 -7.48
C GLY B 191 2.61 -5.20 -6.29
N GLY B 192 3.72 -5.74 -5.80
CA GLY B 192 4.41 -5.07 -4.70
C GLY B 192 3.73 -5.33 -3.37
N LEU B 193 3.59 -4.26 -2.56
CA LEU B 193 2.97 -4.35 -1.23
C LEU B 193 1.50 -4.72 -1.27
N LEU B 194 0.89 -4.75 -2.45
CA LEU B 194 -0.44 -5.31 -2.56
C LEU B 194 -0.47 -6.76 -2.14
N ALA B 195 0.67 -7.45 -2.21
CA ALA B 195 0.69 -8.83 -1.71
C ALA B 195 0.46 -8.85 -0.21
N ALA B 196 1.03 -7.87 0.51
CA ALA B 196 0.79 -7.76 1.95
C ALA B 196 -0.63 -7.28 2.25
N VAL B 197 -1.17 -6.35 1.47
CA VAL B 197 -2.57 -5.95 1.65
C VAL B 197 -3.48 -7.16 1.54
N THR B 198 -3.20 -8.03 0.56
CA THR B 198 -4.04 -9.21 0.34
C THR B 198 -4.07 -10.09 1.58
N LEU B 199 -2.90 -10.47 2.09
CA LEU B 199 -2.85 -11.32 3.27
C LEU B 199 -3.42 -10.62 4.49
N ASN B 200 -3.16 -9.32 4.65
CA ASN B 200 -3.73 -8.59 5.78
C ASN B 200 -5.25 -8.67 5.77
N ALA B 201 -5.85 -8.51 4.57
CA ALA B 201 -7.31 -8.58 4.45
C ALA B 201 -7.84 -9.93 4.86
N LEU B 202 -7.20 -11.02 4.42
CA LEU B 202 -7.61 -12.36 4.83
C LEU B 202 -7.51 -12.53 6.34
N VAL B 203 -6.44 -12.00 6.95
CA VAL B 203 -6.31 -12.08 8.40
C VAL B 203 -7.41 -11.28 9.09
N GLU B 204 -7.79 -10.13 8.52
CA GLU B 204 -8.84 -9.32 9.13
C GLU B 204 -10.18 -10.05 9.14
N THR B 205 -10.47 -10.83 8.09
CA THR B 205 -11.69 -11.65 8.06
C THR B 205 -11.68 -12.75 9.09
N LEU B 206 -10.55 -12.97 9.75
CA LEU B 206 -10.39 -14.01 10.76
C LEU B 206 -10.31 -13.45 12.16
N ILE B 207 -9.85 -12.22 12.32
CA ILE B 207 -9.74 -11.59 13.62
C ILE B 207 -10.66 -10.38 13.70
C1 PEG C . 19.62 5.98 -9.62
O1 PEG C . 18.29 5.59 -9.27
C2 PEG C . 19.99 7.30 -9.03
O2 PEG C . 19.42 8.35 -9.78
C3 PEG C . 19.86 8.39 -11.13
C4 PEG C . 18.71 8.77 -12.03
O4 PEG C . 17.66 7.81 -12.00
C1 GOL D . -17.17 9.93 4.89
O1 GOL D . -16.04 10.06 4.07
C2 GOL D . -17.20 11.16 5.84
O2 GOL D . -17.03 12.37 5.17
C3 GOL D . -18.57 11.07 6.59
O3 GOL D . -18.41 10.20 7.66
C1 GOL E . 17.37 -12.57 -8.21
O1 GOL E . 16.82 -13.80 -8.60
C2 GOL E . 17.06 -12.36 -6.69
O2 GOL E . 17.96 -11.50 -6.04
C3 GOL E . 15.59 -11.82 -6.63
O3 GOL E . 15.55 -10.52 -7.14
C1 GOL F . 13.51 -3.42 -2.69
O1 GOL F . 12.95 -4.70 -2.65
C2 GOL F . 14.79 -3.52 -3.56
O2 GOL F . 14.55 -3.23 -4.91
C3 GOL F . 15.79 -2.55 -2.90
O3 GOL F . 15.91 -2.95 -1.57
#